data_6JAN
#
_entry.id   6JAN
#
_cell.length_a   84.410
_cell.length_b   84.410
_cell.length_c   145.550
_cell.angle_alpha   90.000
_cell.angle_beta   90.000
_cell.angle_gamma   90.000
#
_symmetry.space_group_name_H-M   'P 41 21 2'
#
loop_
_entity.id
_entity.type
_entity.pdbx_description
1 polymer 'ABC transporter, periplasmic substrate-binding protein'
2 branched alpha-D-glucopyranose-(1-4)-alpha-D-glucopyranose
3 non-polymer 'CITRIC ACID'
4 non-polymer GLYCEROL
5 non-polymer 1,2-ETHANEDIOL
6 water water
#
_entity_poly.entity_id   1
_entity_poly.type   'polypeptide(L)'
_entity_poly.pdbx_seq_one_letter_code
;QSGPVIRVAGDSTAVGEGGRWMKEMVEAWGKKTGTRVEYIDSPADTNDRLALYQQYWAARSPDVDVYMIDVIWPGIVAPH
ALDLKPYLTEAELKEFFPRIVQNNTIRGKLTSLPFFTDAGILYYRKDLLEKYGYTSPPRTWNELEQMAERVMEGERRAGN
RDFWGFVFQGKPYEGLTCDALEWIYSHGGGRIVEPDGTISVNNGRAALALNRAHGWVGRIAPQGVTSYAEEEARNVWQQG
NSLFMRNWPYAYALGQAEGSPIRGKFGVTVLPKASADAPNAATLGGWQLMVSAYSRYPKEAVDLVKYLASYEVQKDNAVR
LSRLPTRPALYTDRDVLARNPWFRDLLPVFQNAVSAPSDVAGARYNQVSEAIWTEVHSVLTGRKKGEQAVRDLEARIRRI
LRHHHHHH
;
_entity_poly.pdbx_strand_id   A
#
loop_
_chem_comp.id
_chem_comp.type
_chem_comp.name
_chem_comp.formula
CIT non-polymer 'CITRIC ACID' 'C6 H8 O7'
EDO non-polymer 1,2-ETHANEDIOL 'C2 H6 O2'
GLC D-saccharide, alpha linking alpha-D-glucopyranose 'C6 H12 O6'
GOL non-polymer GLYCEROL 'C3 H8 O3'
#
# COMPACT_ATOMS: atom_id res chain seq x y z
N GLY A 3 11.50 34.53 7.77
CA GLY A 3 11.78 33.37 8.68
C GLY A 3 11.92 32.11 7.86
N PRO A 4 12.06 30.95 8.53
CA PRO A 4 12.31 29.74 7.72
C PRO A 4 11.19 29.40 6.73
N VAL A 5 11.55 28.73 5.63
CA VAL A 5 10.57 28.08 4.77
C VAL A 5 10.69 26.57 5.00
N ILE A 6 9.61 25.94 5.45
CA ILE A 6 9.63 24.50 5.71
C ILE A 6 9.08 23.81 4.46
N ARG A 7 9.89 22.96 3.85
CA ARG A 7 9.63 22.40 2.57
C ARG A 7 9.37 20.91 2.75
N VAL A 8 8.24 20.44 2.20
CA VAL A 8 7.75 19.08 2.42
C VAL A 8 7.65 18.33 1.10
N ALA A 9 8.30 17.18 1.05
CA ALA A 9 8.17 16.24 -0.06
C ALA A 9 7.15 15.24 0.40
N GLY A 10 5.96 15.46 -0.08
CA GLY A 10 4.84 14.77 0.44
C GLY A 10 4.25 13.81 -0.58
N ASP A 11 3.06 13.42 -0.30
CA ASP A 11 2.32 12.41 -1.13
C ASP A 11 2.08 12.99 -2.56
N SER A 12 1.75 12.11 -3.49
CA SER A 12 1.67 12.47 -4.90
C SER A 12 0.31 13.06 -5.28
N THR A 13 0.27 14.16 -6.03
CA THR A 13 -0.97 14.62 -6.58
C THR A 13 -1.48 13.69 -7.73
N ALA A 14 -0.65 12.72 -8.14
CA ALA A 14 -1.01 11.75 -9.19
C ALA A 14 -1.74 10.54 -8.64
N VAL A 15 -1.97 10.48 -7.33
CA VAL A 15 -2.75 9.37 -6.77
C VAL A 15 -3.92 9.91 -6.00
N GLY A 16 -5.13 9.78 -6.55
CA GLY A 16 -6.31 10.26 -5.87
C GLY A 16 -6.22 11.71 -5.42
N GLU A 17 -6.65 11.95 -4.19
CA GLU A 17 -6.58 13.28 -3.58
C GLU A 17 -5.46 13.45 -2.60
N GLY A 18 -4.55 12.46 -2.53
CA GLY A 18 -3.57 12.44 -1.45
C GLY A 18 -2.60 13.61 -1.41
N GLY A 19 -2.10 13.97 -2.56
CA GLY A 19 -1.20 15.10 -2.65
C GLY A 19 -1.93 16.42 -2.44
N ARG A 20 -3.09 16.57 -3.04
CA ARG A 20 -3.83 17.83 -2.89
C ARG A 20 -4.17 18.05 -1.42
N TRP A 21 -4.66 17.00 -0.79
CA TRP A 21 -4.99 17.02 0.63
C TRP A 21 -3.78 17.28 1.51
N MET A 22 -2.64 16.65 1.24
CA MET A 22 -1.52 16.84 2.15
C MET A 22 -0.99 18.29 2.02
N LYS A 23 -1.01 18.81 0.80
CA LYS A 23 -0.57 20.17 0.57
C LYS A 23 -1.46 21.11 1.37
N GLU A 24 -2.76 20.85 1.35
CA GLU A 24 -3.71 21.62 2.17
C GLU A 24 -3.38 21.57 3.67
N MET A 25 -3.04 20.37 4.20
CA MET A 25 -2.73 20.23 5.61
C MET A 25 -1.45 21.01 5.93
N VAL A 26 -0.46 20.94 5.03
CA VAL A 26 0.83 21.64 5.27
C VAL A 26 0.60 23.17 5.27
N GLU A 27 -0.21 23.61 4.33
CA GLU A 27 -0.60 25.03 4.27
C GLU A 27 -1.41 25.48 5.49
N ALA A 28 -2.28 24.65 6.00
CA ALA A 28 -2.98 24.96 7.26
C ALA A 28 -2.04 25.10 8.45
N TRP A 29 -1.05 24.20 8.55
CA TRP A 29 -0.06 24.32 9.60
C TRP A 29 0.72 25.65 9.46
N GLY A 30 1.14 25.95 8.25
CA GLY A 30 1.88 27.17 8.01
C GLY A 30 1.03 28.38 8.46
N LYS A 31 -0.26 28.36 8.10
CA LYS A 31 -1.13 29.48 8.48
C LYS A 31 -1.32 29.54 10.01
N LYS A 32 -1.53 28.41 10.70
CA LYS A 32 -1.73 28.38 12.14
C LYS A 32 -0.51 28.88 12.89
N THR A 33 0.67 28.58 12.40
CA THR A 33 1.89 28.90 13.12
C THR A 33 2.61 30.16 12.62
N GLY A 34 2.15 30.75 11.54
CA GLY A 34 2.85 31.82 10.83
C GLY A 34 4.19 31.46 10.25
N THR A 35 4.26 30.28 9.64
CA THR A 35 5.50 29.76 9.09
C THR A 35 5.30 29.60 7.61
N ARG A 36 6.25 30.09 6.83
CA ARG A 36 6.22 29.89 5.39
C ARG A 36 6.44 28.40 5.11
N VAL A 37 5.70 27.90 4.14
CA VAL A 37 5.85 26.48 3.68
C VAL A 37 5.88 26.34 2.17
N GLU A 38 6.52 25.27 1.68
CA GLU A 38 6.43 24.89 0.28
C GLU A 38 6.22 23.38 0.21
N TYR A 39 5.47 22.98 -0.79
CA TYR A 39 5.17 21.55 -1.00
C TYR A 39 5.85 21.10 -2.27
N ILE A 40 6.57 20.01 -2.18
CA ILE A 40 7.23 19.39 -3.32
C ILE A 40 6.51 18.11 -3.67
N ASP A 41 5.98 18.07 -4.90
CA ASP A 41 5.15 16.94 -5.35
C ASP A 41 6.09 15.72 -5.63
N SER A 42 5.51 14.54 -5.77
CA SER A 42 6.21 13.33 -6.04
C SER A 42 5.51 12.51 -7.11
N PRO A 43 6.22 11.55 -7.71
CA PRO A 43 5.59 10.64 -8.66
C PRO A 43 4.67 9.67 -7.95
N ALA A 44 3.78 9.06 -8.70
CA ALA A 44 2.81 8.17 -8.11
C ALA A 44 3.44 7.00 -7.35
N ASP A 45 4.34 6.31 -8.01
CA ASP A 45 4.80 5.02 -7.55
C ASP A 45 5.85 5.18 -6.45
N THR A 46 5.69 4.37 -5.40
CA THR A 46 6.60 4.44 -4.27
C THR A 46 8.08 4.29 -4.67
N ASN A 47 8.38 3.31 -5.51
CA ASN A 47 9.78 3.12 -5.88
C ASN A 47 10.37 4.30 -6.66
N ASP A 48 9.52 5.01 -7.42
CA ASP A 48 9.95 6.25 -8.06
C ASP A 48 10.16 7.37 -7.08
N ARG A 49 9.35 7.40 -6.03
CA ARG A 49 9.55 8.37 -4.95
C ARG A 49 10.88 8.11 -4.26
N LEU A 50 11.22 6.85 -4.02
CA LEU A 50 12.43 6.53 -3.31
C LEU A 50 13.61 7.01 -4.09
N ALA A 51 13.60 6.75 -5.40
CA ALA A 51 14.73 7.18 -6.25
C ALA A 51 14.87 8.68 -6.24
N LEU A 52 13.76 9.40 -6.31
CA LEU A 52 13.79 10.86 -6.24
C LEU A 52 14.37 11.36 -4.91
N TYR A 53 13.86 10.84 -3.79
CA TYR A 53 14.35 11.32 -2.48
C TYR A 53 15.83 10.95 -2.25
N GLN A 54 16.26 9.81 -2.80
CA GLN A 54 17.66 9.38 -2.68
CA GLN A 54 17.66 9.35 -2.70
C GLN A 54 18.58 10.40 -3.31
N GLN A 55 18.10 11.09 -4.33
CA GLN A 55 18.93 12.17 -4.87
C GLN A 55 19.16 13.29 -3.90
N TYR A 56 18.10 13.72 -3.20
CA TYR A 56 18.26 14.73 -2.18
C TYR A 56 19.17 14.22 -1.06
N TRP A 57 18.94 12.98 -0.62
CA TRP A 57 19.72 12.47 0.52
C TRP A 57 21.20 12.32 0.19
N ALA A 58 21.47 11.84 -1.04
CA ALA A 58 22.89 11.71 -1.49
C ALA A 58 23.59 13.07 -1.41
N ALA A 59 22.86 14.13 -1.85
CA ALA A 59 23.39 15.49 -1.81
C ALA A 59 23.41 16.15 -0.44
N ARG A 60 22.91 15.49 0.61
CA ARG A 60 22.73 16.08 1.94
C ARG A 60 21.95 17.37 1.81
N SER A 61 20.93 17.35 0.95
CA SER A 61 20.28 18.58 0.58
C SER A 61 19.42 19.17 1.67
N PRO A 62 19.59 20.46 1.95
CA PRO A 62 18.73 21.15 2.89
C PRO A 62 17.38 21.60 2.27
N ASP A 63 17.15 21.26 0.98
CA ASP A 63 16.02 21.83 0.21
C ASP A 63 14.68 21.11 0.49
N VAL A 64 14.73 20.07 1.33
CA VAL A 64 13.55 19.37 1.86
C VAL A 64 13.73 19.12 3.38
N ASP A 65 12.75 19.58 4.19
CA ASP A 65 12.78 19.41 5.59
C ASP A 65 12.04 18.16 6.11
N VAL A 66 10.96 17.78 5.44
CA VAL A 66 10.10 16.69 5.84
C VAL A 66 9.82 15.85 4.61
N TYR A 67 9.94 14.52 4.77
CA TYR A 67 9.60 13.59 3.72
C TYR A 67 8.50 12.65 4.20
N MET A 68 7.61 12.26 3.30
CA MET A 68 6.64 11.22 3.62
C MET A 68 7.20 9.92 3.07
N ILE A 69 7.47 8.96 3.96
CA ILE A 69 8.22 7.73 3.66
C ILE A 69 7.37 6.45 3.82
N ASP A 70 7.71 5.43 3.02
CA ASP A 70 6.92 4.20 2.96
C ASP A 70 7.32 3.33 4.11
N VAL A 71 6.38 2.48 4.51
CA VAL A 71 6.57 1.58 5.65
C VAL A 71 7.79 0.65 5.41
N ILE A 72 8.08 0.40 4.17
CA ILE A 72 9.17 -0.47 3.69
C ILE A 72 10.57 0.19 3.71
N TRP A 73 10.60 1.50 4.01
CA TRP A 73 11.83 2.27 3.90
C TRP A 73 12.68 2.55 5.14
N PRO A 74 12.14 2.42 6.35
CA PRO A 74 13.03 2.83 7.50
C PRO A 74 14.44 2.25 7.49
N GLY A 75 14.61 0.97 7.14
CA GLY A 75 15.95 0.38 7.06
C GLY A 75 16.87 0.94 6.00
N ILE A 76 16.27 1.48 4.96
CA ILE A 76 16.98 2.12 3.86
C ILE A 76 17.31 3.56 4.27
N VAL A 77 16.36 4.26 4.87
CA VAL A 77 16.47 5.73 5.00
C VAL A 77 17.01 6.26 6.32
N ALA A 78 17.25 5.34 7.25
CA ALA A 78 17.59 5.75 8.60
C ALA A 78 18.73 6.79 8.68
N PRO A 79 19.81 6.63 7.91
CA PRO A 79 20.92 7.61 8.06
C PRO A 79 20.48 9.03 7.75
N HIS A 80 19.44 9.13 6.92
CA HIS A 80 18.93 10.44 6.46
C HIS A 80 17.83 11.03 7.31
N ALA A 81 17.48 10.34 8.39
CA ALA A 81 16.41 10.73 9.30
C ALA A 81 16.92 11.35 10.57
N LEU A 82 16.28 12.41 11.01
CA LEU A 82 16.55 12.90 12.36
C LEU A 82 15.91 11.96 13.37
N ASP A 83 16.58 11.58 14.45
CA ASP A 83 15.95 10.71 15.44
C ASP A 83 14.87 11.54 16.16
N LEU A 84 13.63 11.08 16.05
CA LEU A 84 12.51 11.72 16.67
C LEU A 84 12.32 11.37 18.13
N LYS A 85 12.98 10.34 18.59
CA LYS A 85 12.70 9.87 19.98
C LYS A 85 12.81 10.95 21.05
N PRO A 86 13.83 11.82 20.95
CA PRO A 86 13.96 12.84 22.00
C PRO A 86 12.83 13.85 22.00
N TYR A 87 12.03 13.91 20.92
CA TYR A 87 10.98 14.90 20.77
C TYR A 87 9.58 14.49 21.23
N LEU A 88 9.41 13.23 21.54
CA LEU A 88 8.11 12.72 21.97
C LEU A 88 8.26 12.08 23.32
N THR A 89 7.25 12.28 24.15
CA THR A 89 7.18 11.57 25.39
C THR A 89 6.73 10.15 25.17
N GLU A 90 6.96 9.30 26.18
CA GLU A 90 6.51 7.94 26.07
C GLU A 90 4.99 7.91 25.90
N ALA A 91 4.24 8.80 26.58
CA ALA A 91 2.80 8.80 26.46
C ALA A 91 2.37 9.14 25.00
N GLU A 92 3.04 10.12 24.40
CA GLU A 92 2.74 10.59 23.07
C GLU A 92 2.94 9.49 22.07
N LEU A 93 4.04 8.75 22.23
CA LEU A 93 4.39 7.68 21.33
C LEU A 93 3.47 6.50 21.49
N LYS A 94 2.90 6.28 22.68
CA LYS A 94 1.96 5.19 22.84
C LYS A 94 0.58 5.45 22.23
N GLU A 95 0.32 6.64 21.71
CA GLU A 95 -0.98 6.92 21.05
C GLU A 95 -1.02 6.31 19.64
N PHE A 96 0.15 5.88 19.15
CA PHE A 96 0.26 5.22 17.84
C PHE A 96 0.33 3.72 18.03
N PHE A 97 -0.02 2.93 16.99
CA PHE A 97 0.09 1.49 17.05
C PHE A 97 1.55 1.07 17.31
N PRO A 98 1.78 0.23 18.30
CA PRO A 98 3.18 -0.15 18.62
C PRO A 98 3.87 -0.87 17.48
N ARG A 99 3.12 -1.61 16.67
CA ARG A 99 3.72 -2.32 15.56
C ARG A 99 4.37 -1.32 14.61
N ILE A 100 3.73 -0.20 14.40
CA ILE A 100 4.24 0.74 13.37
C ILE A 100 5.41 1.57 13.97
N VAL A 101 5.30 1.91 15.24
CA VAL A 101 6.41 2.60 15.92
C VAL A 101 7.61 1.68 15.87
N GLN A 102 7.45 0.39 16.13
CA GLN A 102 8.55 -0.57 16.05
C GLN A 102 9.11 -0.67 14.64
N ASN A 103 8.22 -0.71 13.65
CA ASN A 103 8.67 -0.72 12.22
C ASN A 103 9.59 0.45 11.93
N ASN A 104 9.20 1.61 12.42
CA ASN A 104 9.86 2.87 12.15
C ASN A 104 11.15 3.07 12.97
N THR A 105 11.44 2.15 13.90
CA THR A 105 12.58 2.31 14.81
C THR A 105 13.66 1.36 14.32
N ILE A 106 14.81 1.92 13.96
CA ILE A 106 15.87 1.14 13.41
C ILE A 106 17.15 1.35 14.29
N ARG A 107 17.63 0.29 14.89
CA ARG A 107 18.82 0.35 15.81
C ARG A 107 18.55 1.40 16.86
N GLY A 108 17.32 1.41 17.39
CA GLY A 108 16.88 2.38 18.44
C GLY A 108 16.53 3.81 18.02
N LYS A 109 16.78 4.18 16.76
CA LYS A 109 16.44 5.46 16.25
C LYS A 109 14.99 5.48 15.75
N LEU A 110 14.18 6.38 16.26
CA LEU A 110 12.79 6.57 15.71
C LEU A 110 12.89 7.40 14.43
N THR A 111 12.81 6.71 13.29
CA THR A 111 13.05 7.35 12.03
C THR A 111 11.95 8.29 11.62
N SER A 112 10.71 8.05 12.09
CA SER A 112 9.59 8.71 11.53
C SER A 112 8.35 8.46 12.37
N LEU A 113 7.40 9.34 12.28
CA LEU A 113 6.13 9.13 13.01
C LEU A 113 5.17 8.42 12.08
N PRO A 114 4.42 7.44 12.60
CA PRO A 114 3.35 6.85 11.83
C PRO A 114 2.31 7.88 11.37
N PHE A 115 1.88 7.86 10.09
CA PHE A 115 1.00 8.87 9.55
C PHE A 115 -0.34 8.21 9.16
N PHE A 116 -0.30 7.32 8.18
CA PHE A 116 -1.43 6.40 7.90
C PHE A 116 -0.96 5.03 7.63
N THR A 117 -1.81 4.06 7.95
CA THR A 117 -1.45 2.67 7.65
C THR A 117 -2.25 2.29 6.33
N ASP A 118 -2.18 1.02 5.96
CA ASP A 118 -2.70 0.54 4.69
C ASP A 118 -2.72 -0.95 4.72
N ALA A 119 -3.71 -1.54 4.03
CA ALA A 119 -3.78 -2.97 3.89
C ALA A 119 -4.51 -3.26 2.57
N GLY A 120 -4.04 -4.28 1.85
CA GLY A 120 -4.78 -4.69 0.70
C GLY A 120 -6.11 -5.32 0.97
N ILE A 121 -7.12 -4.85 0.24
CA ILE A 121 -8.48 -5.34 0.44
C ILE A 121 -9.16 -5.59 -0.91
N LEU A 122 -10.22 -6.35 -0.83
CA LEU A 122 -11.06 -6.66 -1.99
C LEU A 122 -12.28 -5.69 -2.05
N TYR A 123 -12.33 -4.94 -3.15
CA TYR A 123 -13.50 -4.15 -3.57
C TYR A 123 -14.37 -4.98 -4.46
N TYR A 124 -15.68 -4.92 -4.22
CA TYR A 124 -16.65 -5.65 -5.02
C TYR A 124 -17.90 -4.91 -5.30
N ARG A 125 -18.45 -5.13 -6.50
CA ARG A 125 -19.70 -4.50 -6.89
C ARG A 125 -20.93 -5.27 -6.33
N LYS A 126 -21.54 -4.71 -5.32
CA LYS A 126 -22.67 -5.38 -4.61
C LYS A 126 -23.86 -5.50 -5.56
N ASP A 127 -24.07 -4.48 -6.38
CA ASP A 127 -25.19 -4.51 -7.33
C ASP A 127 -25.08 -5.64 -8.31
N LEU A 128 -23.89 -5.83 -8.85
CA LEU A 128 -23.65 -6.91 -9.77
C LEU A 128 -23.70 -8.29 -9.12
N LEU A 129 -23.21 -8.44 -7.91
CA LEU A 129 -23.33 -9.73 -7.26
C LEU A 129 -24.83 -10.10 -7.13
N GLU A 130 -25.60 -9.13 -6.71
CA GLU A 130 -27.04 -9.35 -6.51
C GLU A 130 -27.71 -9.66 -7.88
N LYS A 131 -27.35 -8.91 -8.89
CA LYS A 131 -27.89 -9.13 -10.21
C LYS A 131 -27.68 -10.55 -10.69
N TYR A 132 -26.53 -11.15 -10.35
CA TYR A 132 -26.19 -12.47 -10.84
C TYR A 132 -26.42 -13.61 -9.81
N GLY A 133 -27.13 -13.29 -8.73
CA GLY A 133 -27.60 -14.25 -7.73
C GLY A 133 -26.61 -14.63 -6.68
N TYR A 134 -25.56 -13.83 -6.45
CA TYR A 134 -24.61 -14.10 -5.39
C TYR A 134 -24.98 -13.25 -4.19
N THR A 135 -24.90 -13.82 -3.01
CA THR A 135 -25.30 -13.09 -1.82
C THR A 135 -24.13 -12.62 -0.95
N SER A 136 -22.92 -13.06 -1.22
CA SER A 136 -21.71 -12.73 -0.46
C SER A 136 -20.57 -12.56 -1.42
N PRO A 137 -19.60 -11.69 -1.08
CA PRO A 137 -18.37 -11.68 -1.90
C PRO A 137 -17.58 -12.99 -1.81
N PRO A 138 -16.69 -13.22 -2.73
CA PRO A 138 -16.00 -14.50 -2.77
C PRO A 138 -15.04 -14.71 -1.61
N ARG A 139 -15.00 -15.92 -1.01
CA ARG A 139 -14.07 -16.24 0.06
C ARG A 139 -12.81 -16.96 -0.41
N THR A 140 -12.88 -17.60 -1.58
CA THR A 140 -11.79 -18.27 -2.17
C THR A 140 -11.49 -17.70 -3.55
N TRP A 141 -10.26 -17.89 -3.99
CA TRP A 141 -9.91 -17.44 -5.32
C TRP A 141 -10.70 -18.14 -6.40
N ASN A 142 -10.91 -19.46 -6.24
CA ASN A 142 -11.79 -20.17 -7.20
C ASN A 142 -13.16 -19.49 -7.30
N GLU A 143 -13.77 -19.09 -6.19
CA GLU A 143 -15.07 -18.46 -6.21
C GLU A 143 -14.95 -17.12 -6.91
N LEU A 144 -13.85 -16.41 -6.65
CA LEU A 144 -13.67 -15.13 -7.35
C LEU A 144 -13.66 -15.30 -8.87
N GLU A 145 -12.99 -16.35 -9.34
CA GLU A 145 -12.87 -16.60 -10.75
C GLU A 145 -14.21 -16.98 -11.33
N GLN A 146 -14.94 -17.81 -10.60
CA GLN A 146 -16.28 -18.27 -11.08
C GLN A 146 -17.26 -17.11 -11.19
N MET A 147 -17.31 -16.23 -10.18
CA MET A 147 -18.15 -15.08 -10.19
C MET A 147 -17.75 -14.16 -11.31
N ALA A 148 -16.46 -13.92 -11.44
CA ALA A 148 -15.99 -13.03 -12.48
C ALA A 148 -16.33 -13.52 -13.89
N GLU A 149 -16.17 -14.79 -14.11
CA GLU A 149 -16.52 -15.37 -15.43
C GLU A 149 -18.00 -15.15 -15.75
N ARG A 150 -18.87 -15.42 -14.77
CA ARG A 150 -20.30 -15.32 -15.03
C ARG A 150 -20.75 -13.90 -15.22
N VAL A 151 -20.30 -12.98 -14.33
CA VAL A 151 -20.69 -11.61 -14.43
C VAL A 151 -20.12 -10.97 -15.71
N MET A 152 -18.87 -11.25 -16.05
CA MET A 152 -18.36 -10.73 -17.31
C MET A 152 -19.17 -11.20 -18.51
N GLU A 153 -19.46 -12.49 -18.59
CA GLU A 153 -20.19 -13.01 -19.74
C GLU A 153 -21.51 -12.21 -19.88
N GLY A 154 -22.19 -11.99 -18.78
CA GLY A 154 -23.48 -11.27 -18.83
C GLY A 154 -23.37 -9.83 -19.15
N GLU A 155 -22.37 -9.13 -18.57
CA GLU A 155 -22.19 -7.72 -18.87
C GLU A 155 -21.68 -7.47 -20.28
N ARG A 156 -20.85 -8.37 -20.80
CA ARG A 156 -20.34 -8.24 -22.17
C ARG A 156 -21.55 -8.44 -23.11
N ARG A 157 -22.39 -9.42 -22.77
CA ARG A 157 -23.52 -9.75 -23.62
C ARG A 157 -24.52 -8.61 -23.61
N ALA A 158 -24.62 -7.90 -22.50
CA ALA A 158 -25.47 -6.74 -22.41
C ALA A 158 -24.93 -5.51 -23.10
N GLY A 159 -23.71 -5.55 -23.62
CA GLY A 159 -23.17 -4.47 -24.40
C GLY A 159 -22.09 -3.65 -23.78
N ASN A 160 -21.61 -3.99 -22.56
CA ASN A 160 -20.49 -3.26 -22.04
C ASN A 160 -19.18 -3.86 -22.48
N ARG A 161 -18.57 -3.33 -23.54
CA ARG A 161 -17.35 -3.97 -24.00
C ARG A 161 -16.10 -3.64 -23.14
N ASP A 162 -16.25 -2.69 -22.23
CA ASP A 162 -15.20 -2.27 -21.38
C ASP A 162 -15.16 -3.10 -20.05
N PHE A 163 -16.10 -4.00 -19.86
CA PHE A 163 -16.26 -4.67 -18.55
C PHE A 163 -15.31 -5.86 -18.35
N TRP A 164 -14.68 -5.90 -17.17
CA TRP A 164 -13.80 -6.96 -16.75
C TRP A 164 -14.21 -7.50 -15.38
N GLY A 165 -13.77 -8.72 -15.09
CA GLY A 165 -14.08 -9.33 -13.84
C GLY A 165 -13.19 -8.84 -12.66
N PHE A 166 -11.93 -8.56 -12.95
CA PHE A 166 -10.95 -8.24 -11.87
C PHE A 166 -9.87 -7.36 -12.36
N VAL A 167 -9.55 -6.32 -11.58
CA VAL A 167 -8.38 -5.48 -11.80
C VAL A 167 -7.51 -5.42 -10.55
N PHE A 168 -6.21 -5.24 -10.73
CA PHE A 168 -5.22 -5.28 -9.67
C PHE A 168 -3.98 -4.59 -10.17
N GLN A 169 -2.95 -4.53 -9.34
CA GLN A 169 -1.69 -3.90 -9.75
C GLN A 169 -0.70 -4.90 -10.34
N GLY A 170 -0.56 -4.95 -11.68
CA GLY A 170 0.37 -5.93 -12.31
C GLY A 170 1.57 -5.34 -13.01
N LYS A 171 1.75 -4.02 -12.88
CA LYS A 171 2.89 -3.33 -13.40
C LYS A 171 4.17 -3.80 -12.71
N PRO A 172 5.31 -3.74 -13.37
CA PRO A 172 6.56 -4.09 -12.69
C PRO A 172 7.10 -2.96 -11.83
N TYR A 173 6.70 -2.99 -10.55
CA TYR A 173 7.06 -1.97 -9.56
C TYR A 173 6.63 -2.51 -8.19
N GLU A 174 6.80 -1.69 -7.18
CA GLU A 174 6.57 -2.18 -5.82
C GLU A 174 5.19 -2.69 -5.60
N GLY A 175 4.16 -2.02 -6.17
CA GLY A 175 2.78 -2.49 -5.99
C GLY A 175 2.53 -3.93 -6.38
N LEU A 176 3.27 -4.46 -7.37
CA LEU A 176 3.15 -5.86 -7.70
C LEU A 176 3.75 -6.73 -6.66
N THR A 177 4.85 -6.34 -6.01
CA THR A 177 5.35 -7.10 -4.86
C THR A 177 4.24 -7.19 -3.79
N CYS A 178 3.55 -6.08 -3.53
CA CYS A 178 2.47 -6.12 -2.59
C CYS A 178 1.35 -7.08 -3.00
N ASP A 179 0.89 -7.02 -4.26
CA ASP A 179 -0.15 -7.92 -4.73
C ASP A 179 0.34 -9.40 -4.64
N ALA A 180 1.59 -9.64 -5.01
CA ALA A 180 2.13 -10.99 -5.10
C ALA A 180 2.38 -11.61 -3.76
N LEU A 181 2.73 -10.78 -2.76
CA LEU A 181 2.77 -11.27 -1.37
C LEU A 181 1.40 -11.79 -0.94
N GLU A 182 0.34 -11.04 -1.28
CA GLU A 182 -1.02 -11.53 -0.97
C GLU A 182 -1.33 -12.82 -1.67
N TRP A 183 -1.01 -12.92 -2.96
CA TRP A 183 -1.30 -14.20 -3.67
C TRP A 183 -0.55 -15.34 -2.97
N ILE A 184 0.75 -15.17 -2.76
CA ILE A 184 1.57 -16.26 -2.28
C ILE A 184 1.16 -16.64 -0.85
N TYR A 185 0.99 -15.63 -0.03
CA TYR A 185 0.62 -15.94 1.41
C TYR A 185 -0.73 -16.58 1.50
N SER A 186 -1.71 -16.17 0.69
CA SER A 186 -3.06 -16.71 0.72
C SER A 186 -3.18 -18.08 0.13
N HIS A 187 -2.13 -18.57 -0.52
CA HIS A 187 -2.05 -19.96 -0.96
C HIS A 187 -1.25 -20.83 0.01
N GLY A 188 -0.88 -20.28 1.17
CA GLY A 188 -0.03 -20.99 2.13
C GLY A 188 1.42 -21.14 1.72
N GLY A 189 1.86 -20.22 0.85
CA GLY A 189 3.15 -20.26 0.25
C GLY A 189 4.22 -19.44 0.98
N GLY A 190 3.86 -18.85 2.12
CA GLY A 190 4.81 -18.06 2.93
C GLY A 190 4.93 -16.59 2.59
N ARG A 191 6.02 -16.01 3.06
CA ARG A 191 6.24 -14.53 3.08
C ARG A 191 7.36 -14.10 2.14
N ILE A 192 7.75 -15.01 1.26
CA ILE A 192 8.80 -14.84 0.28
C ILE A 192 10.21 -14.95 0.90
N VAL A 193 10.51 -14.01 1.81
CA VAL A 193 11.62 -14.11 2.74
C VAL A 193 11.00 -14.00 4.12
N GLU A 194 11.25 -15.01 4.95
CA GLU A 194 10.64 -15.03 6.28
C GLU A 194 11.38 -14.10 7.22
N PRO A 195 10.70 -13.63 8.31
CA PRO A 195 11.38 -12.73 9.24
C PRO A 195 12.69 -13.26 9.78
N ASP A 196 12.84 -14.58 9.88
CA ASP A 196 14.10 -15.14 10.30
C ASP A 196 15.22 -15.20 9.29
N GLY A 197 14.95 -14.83 8.05
CA GLY A 197 15.95 -14.81 7.01
C GLY A 197 15.80 -15.89 5.98
N THR A 198 15.00 -16.92 6.29
CA THR A 198 14.81 -18.02 5.35
C THR A 198 14.11 -17.53 4.07
N ILE A 199 14.76 -17.77 2.94
CA ILE A 199 14.15 -17.51 1.62
C ILE A 199 13.30 -18.70 1.28
N SER A 200 12.01 -18.57 1.46
CA SER A 200 11.12 -19.70 1.46
C SER A 200 10.31 -19.85 0.14
N VAL A 201 10.44 -18.90 -0.79
CA VAL A 201 9.49 -18.75 -1.91
C VAL A 201 9.48 -19.92 -2.93
N ASN A 202 10.57 -20.70 -2.97
CA ASN A 202 10.64 -21.84 -3.89
C ASN A 202 9.88 -22.99 -3.31
N ASN A 203 8.56 -22.96 -3.48
CA ASN A 203 7.68 -24.02 -3.07
C ASN A 203 6.50 -24.06 -3.96
N GLY A 204 5.82 -25.20 -3.96
CA GLY A 204 4.72 -25.41 -4.86
C GLY A 204 3.49 -24.54 -4.67
N ARG A 205 3.25 -24.10 -3.41
CA ARG A 205 2.10 -23.23 -3.12
C ARG A 205 2.34 -21.83 -3.68
N ALA A 206 3.57 -21.33 -3.55
CA ALA A 206 3.92 -20.03 -4.14
C ALA A 206 3.87 -20.12 -5.67
N ALA A 207 4.35 -21.24 -6.24
CA ALA A 207 4.30 -21.41 -7.70
C ALA A 207 2.85 -21.43 -8.16
N LEU A 208 1.98 -22.14 -7.43
CA LEU A 208 0.57 -22.21 -7.82
C LEU A 208 -0.07 -20.80 -7.78
N ALA A 209 0.21 -20.06 -6.68
CA ALA A 209 -0.31 -18.71 -6.55
C ALA A 209 0.01 -17.85 -7.82
N LEU A 210 1.25 -17.94 -8.27
CA LEU A 210 1.70 -17.13 -9.44
C LEU A 210 1.04 -17.64 -10.71
N ASN A 211 0.96 -18.98 -10.86
CA ASN A 211 0.28 -19.54 -12.03
C ASN A 211 -1.19 -19.15 -12.05
N ARG A 212 -1.84 -19.17 -10.88
CA ARG A 212 -3.21 -18.69 -10.82
C ARG A 212 -3.34 -17.23 -11.30
N ALA A 213 -2.40 -16.37 -10.89
CA ALA A 213 -2.55 -14.97 -11.29
C ALA A 213 -2.33 -14.80 -12.80
N HIS A 214 -1.37 -15.56 -13.34
CA HIS A 214 -1.18 -15.61 -14.83
C HIS A 214 -2.50 -15.94 -15.46
N GLY A 215 -3.23 -16.91 -14.91
CA GLY A 215 -4.49 -17.36 -15.51
C GLY A 215 -5.59 -16.29 -15.57
N TRP A 216 -5.43 -15.20 -14.80
CA TRP A 216 -6.33 -14.12 -14.89
C TRP A 216 -6.09 -13.20 -16.08
N VAL A 217 -4.84 -13.11 -16.55
CA VAL A 217 -4.46 -12.01 -17.41
C VAL A 217 -5.03 -12.25 -18.82
N GLY A 218 -5.80 -11.28 -19.33
CA GLY A 218 -6.47 -11.40 -20.60
C GLY A 218 -7.70 -12.24 -20.57
N ARG A 219 -8.11 -12.69 -19.38
CA ARG A 219 -9.23 -13.59 -19.21
C ARG A 219 -10.24 -12.91 -18.32
N ILE A 220 -10.08 -12.89 -17.00
CA ILE A 220 -10.97 -12.08 -16.17
C ILE A 220 -10.44 -10.68 -15.91
N ALA A 221 -9.14 -10.50 -16.13
CA ALA A 221 -8.49 -9.19 -16.01
C ALA A 221 -7.99 -8.74 -17.38
N PRO A 222 -7.95 -7.42 -17.62
CA PRO A 222 -7.41 -6.96 -18.90
C PRO A 222 -6.02 -7.42 -19.19
N GLN A 223 -5.68 -7.62 -20.46
CA GLN A 223 -4.31 -7.85 -20.82
C GLN A 223 -3.38 -6.73 -20.32
N GLY A 224 -3.90 -5.51 -20.28
CA GLY A 224 -3.12 -4.37 -19.90
C GLY A 224 -2.92 -4.30 -18.39
N VAL A 225 -3.47 -5.26 -17.63
CA VAL A 225 -3.22 -5.27 -16.18
C VAL A 225 -1.72 -5.37 -15.81
N THR A 226 -0.90 -5.92 -16.72
CA THR A 226 0.50 -6.03 -16.55
C THR A 226 1.22 -4.67 -16.61
N SER A 227 0.45 -3.59 -16.86
CA SER A 227 0.99 -2.23 -16.79
CA SER A 227 0.97 -2.23 -16.79
C SER A 227 0.25 -1.37 -15.75
N TYR A 228 -0.62 -1.99 -14.94
CA TYR A 228 -1.43 -1.21 -14.02
C TYR A 228 -0.80 -0.99 -12.64
N ALA A 229 -0.75 0.25 -12.18
CA ALA A 229 -0.48 0.60 -10.79
C ALA A 229 -1.82 0.90 -10.13
N GLU A 230 -1.79 1.43 -8.91
CA GLU A 230 -3.01 1.70 -8.15
C GLU A 230 -4.10 2.46 -8.97
N GLU A 231 -3.69 3.54 -9.62
CA GLU A 231 -4.68 4.39 -10.31
C GLU A 231 -5.26 3.83 -11.60
N GLU A 232 -4.47 3.03 -12.33
CA GLU A 232 -4.97 2.37 -13.51
C GLU A 232 -6.03 1.39 -13.17
N ALA A 233 -5.77 0.59 -12.14
CA ALA A 233 -6.80 -0.35 -11.66
C ALA A 233 -8.03 0.44 -11.16
N ARG A 234 -7.83 1.49 -10.34
CA ARG A 234 -8.93 2.26 -9.80
C ARG A 234 -9.81 2.87 -10.91
N ASN A 235 -9.18 3.33 -12.00
CA ASN A 235 -9.98 4.05 -12.99
CA ASN A 235 -9.88 3.99 -13.12
C ASN A 235 -10.90 3.07 -13.75
N VAL A 236 -10.47 1.84 -14.03
CA VAL A 236 -11.35 0.85 -14.64
C VAL A 236 -12.52 0.53 -13.71
N TRP A 237 -12.15 0.26 -12.47
CA TRP A 237 -13.13 0.01 -11.40
C TRP A 237 -14.10 1.18 -11.23
N GLN A 238 -13.58 2.39 -11.13
CA GLN A 238 -14.40 3.54 -10.77
C GLN A 238 -15.40 3.95 -11.87
N GLN A 239 -15.04 3.67 -13.10
CA GLN A 239 -15.91 3.92 -14.23
C GLN A 239 -17.00 2.88 -14.31
N GLY A 240 -16.99 1.88 -13.43
CA GLY A 240 -18.05 0.89 -13.45
C GLY A 240 -17.73 -0.39 -14.20
N ASN A 241 -16.48 -0.58 -14.57
CA ASN A 241 -16.09 -1.61 -15.50
C ASN A 241 -15.31 -2.77 -14.92
N SER A 242 -15.38 -3.00 -13.60
CA SER A 242 -14.82 -4.23 -13.04
C SER A 242 -15.67 -4.72 -11.89
N LEU A 243 -15.96 -6.03 -11.88
CA LEU A 243 -16.70 -6.61 -10.76
C LEU A 243 -15.92 -6.49 -9.43
N PHE A 244 -14.63 -6.78 -9.51
CA PHE A 244 -13.71 -6.88 -8.37
C PHE A 244 -12.49 -6.01 -8.61
N MET A 245 -11.96 -5.47 -7.51
CA MET A 245 -10.64 -4.81 -7.55
C MET A 245 -9.87 -5.11 -6.28
N ARG A 246 -8.59 -5.41 -6.40
CA ARG A 246 -7.68 -5.37 -5.27
C ARG A 246 -7.02 -4.01 -5.22
N ASN A 247 -7.14 -3.33 -4.11
CA ASN A 247 -6.53 -2.02 -3.94
C ASN A 247 -6.44 -1.69 -2.43
N TRP A 248 -5.93 -0.49 -2.14
CA TRP A 248 -5.79 0.01 -0.81
C TRP A 248 -7.06 0.81 -0.46
N PRO A 249 -7.23 1.11 0.84
CA PRO A 249 -8.32 1.96 1.39
C PRO A 249 -8.60 3.28 0.72
N TYR A 250 -7.62 3.97 0.18
CA TYR A 250 -7.91 5.28 -0.40
C TYR A 250 -8.98 5.23 -1.52
N ALA A 251 -9.16 4.09 -2.18
CA ALA A 251 -10.05 4.09 -3.34
C ALA A 251 -11.50 4.18 -2.91
N TYR A 252 -11.78 3.87 -1.64
CA TYR A 252 -13.16 3.82 -1.16
C TYR A 252 -13.79 5.20 -1.20
N ALA A 253 -13.18 6.18 -0.57
CA ALA A 253 -13.74 7.54 -0.56
C ALA A 253 -13.93 8.10 -1.98
N LEU A 254 -12.98 7.80 -2.86
CA LEU A 254 -13.07 8.24 -4.24
C LEU A 254 -14.25 7.65 -4.99
N GLY A 255 -14.53 6.37 -4.74
CA GLY A 255 -15.65 5.71 -5.33
C GLY A 255 -16.99 6.19 -4.81
N GLN A 256 -17.00 6.75 -3.62
CA GLN A 256 -18.22 7.27 -3.02
C GLN A 256 -18.44 8.73 -3.31
N ALA A 257 -17.51 9.36 -3.99
CA ALA A 257 -17.65 10.80 -4.24
C ALA A 257 -18.85 11.09 -5.15
N GLU A 258 -19.46 12.25 -4.96
CA GLU A 258 -20.55 12.68 -5.81
C GLU A 258 -20.05 12.67 -7.22
N GLY A 259 -20.87 12.17 -8.12
CA GLY A 259 -20.41 12.03 -9.51
C GLY A 259 -19.56 10.79 -9.84
N SER A 260 -19.28 9.95 -8.84
CA SER A 260 -18.69 8.65 -9.19
C SER A 260 -19.74 7.73 -9.72
N PRO A 261 -19.48 7.06 -10.84
CA PRO A 261 -20.43 6.13 -11.42
C PRO A 261 -20.79 4.97 -10.54
N ILE A 262 -19.97 4.68 -9.52
CA ILE A 262 -20.22 3.54 -8.71
C ILE A 262 -20.59 3.89 -7.25
N ARG A 263 -20.91 5.16 -6.99
CA ARG A 263 -21.29 5.58 -5.65
C ARG A 263 -22.44 4.73 -5.16
N GLY A 264 -22.30 4.22 -3.95
CA GLY A 264 -23.30 3.39 -3.33
C GLY A 264 -23.44 1.97 -3.90
N LYS A 265 -22.55 1.53 -4.80
CA LYS A 265 -22.72 0.22 -5.43
C LYS A 265 -21.71 -0.81 -4.98
N PHE A 266 -20.87 -0.50 -3.99
CA PHE A 266 -19.78 -1.40 -3.72
C PHE A 266 -19.53 -1.56 -2.24
N GLY A 267 -18.88 -2.68 -1.93
CA GLY A 267 -18.39 -2.93 -0.59
C GLY A 267 -16.94 -3.36 -0.61
N VAL A 268 -16.41 -3.58 0.56
CA VAL A 268 -15.04 -4.09 0.73
C VAL A 268 -15.02 -5.24 1.72
N THR A 269 -14.09 -6.16 1.52
CA THR A 269 -13.88 -7.30 2.40
C THR A 269 -12.44 -7.74 2.29
N VAL A 270 -12.07 -8.76 3.07
CA VAL A 270 -10.79 -9.34 3.01
C VAL A 270 -10.59 -10.01 1.63
N LEU A 271 -9.35 -9.97 1.15
CA LEU A 271 -9.05 -10.68 -0.04
C LEU A 271 -9.33 -12.17 0.12
N PRO A 272 -9.67 -12.80 -0.98
CA PRO A 272 -9.87 -14.28 -0.93
C PRO A 272 -8.63 -15.08 -0.68
N LYS A 273 -8.79 -16.38 -0.45
CA LYS A 273 -7.61 -17.23 -0.20
C LYS A 273 -7.87 -18.57 -0.87
N ALA A 274 -6.86 -19.42 -0.89
CA ALA A 274 -6.87 -20.59 -1.73
C ALA A 274 -7.87 -21.59 -1.20
N SER A 275 -7.93 -21.70 0.11
CA SER A 275 -8.87 -22.58 0.79
C SER A 275 -9.11 -22.14 2.23
N ALA A 276 -10.12 -22.74 2.89
CA ALA A 276 -10.53 -22.29 4.23
C ALA A 276 -9.43 -22.34 5.24
N ASP A 277 -8.47 -23.26 5.10
CA ASP A 277 -7.43 -23.29 6.10
C ASP A 277 -6.17 -22.47 5.73
N ALA A 278 -6.15 -21.82 4.56
CA ALA A 278 -5.01 -20.90 4.24
C ALA A 278 -5.11 -19.63 5.07
N PRO A 279 -4.04 -18.86 5.22
CA PRO A 279 -4.23 -17.63 6.00
C PRO A 279 -4.80 -16.54 5.13
N ASN A 280 -5.56 -15.64 5.73
CA ASN A 280 -6.03 -14.42 5.04
C ASN A 280 -4.79 -13.61 4.76
N ALA A 281 -4.79 -12.94 3.59
CA ALA A 281 -3.66 -12.11 3.25
C ALA A 281 -4.14 -10.68 2.99
N ALA A 282 -3.47 -9.73 3.62
CA ALA A 282 -3.55 -8.32 3.32
C ALA A 282 -2.15 -7.79 3.51
N THR A 283 -1.55 -7.26 2.46
CA THR A 283 -0.22 -6.71 2.65
C THR A 283 -0.26 -5.42 3.46
N LEU A 284 0.63 -5.31 4.43
CA LEU A 284 0.75 -4.12 5.27
C LEU A 284 1.44 -3.04 4.45
N GLY A 285 0.77 -1.93 4.26
CA GLY A 285 1.37 -0.74 3.64
C GLY A 285 1.40 0.41 4.62
N GLY A 286 1.57 1.60 4.10
CA GLY A 286 1.36 2.81 4.87
C GLY A 286 2.58 3.74 4.81
N TRP A 287 2.35 4.96 5.28
CA TRP A 287 3.33 6.01 5.20
C TRP A 287 3.61 6.63 6.55
N GLN A 288 4.83 7.17 6.64
CA GLN A 288 5.37 7.75 7.86
C GLN A 288 5.92 9.15 7.52
N LEU A 289 6.18 9.93 8.56
CA LEU A 289 6.67 11.30 8.41
C LEU A 289 8.06 11.42 9.00
N MET A 290 9.06 11.72 8.16
CA MET A 290 10.43 11.81 8.56
C MET A 290 10.92 13.24 8.49
N VAL A 291 11.68 13.64 9.51
CA VAL A 291 12.35 14.96 9.44
C VAL A 291 13.72 14.67 8.88
N SER A 292 14.13 15.46 7.91
CA SER A 292 15.47 15.22 7.33
C SER A 292 16.62 15.47 8.27
N ALA A 293 17.60 14.59 8.23
CA ALA A 293 18.85 14.81 8.96
C ALA A 293 19.55 16.05 8.40
N TYR A 294 19.18 16.44 7.18
CA TYR A 294 19.81 17.60 6.49
C TYR A 294 18.99 18.89 6.63
N SER A 295 17.87 18.85 7.36
CA SER A 295 17.02 20.06 7.58
C SER A 295 17.76 21.06 8.41
N ARG A 296 17.76 22.29 7.94
CA ARG A 296 18.31 23.41 8.77
C ARG A 296 17.38 23.85 9.90
N TYR A 297 16.14 23.36 9.93
CA TYR A 297 15.10 23.78 10.86
C TYR A 297 14.43 22.60 11.57
N PRO A 298 15.19 21.82 12.34
CA PRO A 298 14.61 20.54 12.87
C PRO A 298 13.48 20.81 13.81
N LYS A 299 13.57 21.88 14.62
CA LYS A 299 12.49 22.15 15.57
C LYS A 299 11.15 22.40 14.89
N GLU A 300 11.18 23.27 13.90
CA GLU A 300 10.00 23.62 13.18
C GLU A 300 9.51 22.39 12.41
N ALA A 301 10.42 21.66 11.79
CA ALA A 301 10.01 20.46 11.06
C ALA A 301 9.35 19.42 11.94
N VAL A 302 9.91 19.20 13.13
CA VAL A 302 9.30 18.30 14.09
C VAL A 302 7.90 18.79 14.46
N ASP A 303 7.71 20.10 14.69
CA ASP A 303 6.39 20.59 15.03
CA ASP A 303 6.38 20.64 15.00
C ASP A 303 5.38 20.30 13.87
N LEU A 304 5.78 20.50 12.64
CA LEU A 304 4.91 20.18 11.50
C LEU A 304 4.58 18.67 11.46
N VAL A 305 5.59 17.82 11.65
CA VAL A 305 5.34 16.36 11.61
C VAL A 305 4.37 15.93 12.74
N LYS A 306 4.52 16.51 13.93
CA LYS A 306 3.56 16.23 15.01
C LYS A 306 2.15 16.72 14.64
N TYR A 307 2.06 17.85 13.97
CA TYR A 307 0.75 18.31 13.57
C TYR A 307 0.11 17.38 12.56
N LEU A 308 0.86 17.03 11.55
CA LEU A 308 0.35 16.11 10.51
C LEU A 308 -0.06 14.75 11.09
N ALA A 309 0.68 14.24 12.06
CA ALA A 309 0.35 12.98 12.66
C ALA A 309 -0.68 13.08 13.79
N SER A 310 -1.17 14.27 14.05
CA SER A 310 -2.10 14.47 15.13
C SER A 310 -3.47 13.80 14.91
N TYR A 311 -4.22 13.71 16.00
CA TYR A 311 -5.58 13.14 15.93
C TYR A 311 -6.45 13.81 14.88
N GLU A 312 -6.47 15.16 14.86
CA GLU A 312 -7.39 15.83 13.98
C GLU A 312 -7.03 15.70 12.49
N VAL A 313 -5.74 15.77 12.21
CA VAL A 313 -5.31 15.61 10.82
C VAL A 313 -5.52 14.17 10.34
N GLN A 314 -5.18 13.19 11.16
CA GLN A 314 -5.46 11.78 10.80
C GLN A 314 -6.96 11.58 10.65
N LYS A 315 -7.75 12.19 11.54
CA LYS A 315 -9.20 12.12 11.39
C LYS A 315 -9.67 12.60 10.04
N ASP A 316 -9.14 13.70 9.55
CA ASP A 316 -9.53 14.27 8.28
C ASP A 316 -9.14 13.32 7.10
N ASN A 317 -7.95 12.72 7.20
CA ASN A 317 -7.47 11.75 6.24
C ASN A 317 -8.47 10.56 6.22
N ALA A 318 -8.97 10.15 7.38
CA ALA A 318 -9.89 9.01 7.45
C ALA A 318 -11.23 9.40 6.86
N VAL A 319 -11.80 10.54 7.28
CA VAL A 319 -13.11 10.92 6.87
C VAL A 319 -13.17 11.29 5.41
N ARG A 320 -12.23 12.12 4.96
CA ARG A 320 -12.32 12.60 3.60
C ARG A 320 -11.63 11.72 2.55
N LEU A 321 -10.58 10.97 2.96
CA LEU A 321 -9.78 10.21 2.02
C LEU A 321 -9.82 8.71 2.33
N SER A 322 -10.65 8.31 3.30
CA SER A 322 -10.79 6.91 3.71
C SER A 322 -9.40 6.19 3.86
N ARG A 323 -8.42 6.87 4.44
CA ARG A 323 -7.12 6.23 4.72
C ARG A 323 -7.01 5.97 6.24
N LEU A 324 -6.39 4.84 6.52
CA LEU A 324 -6.42 4.18 7.83
C LEU A 324 -5.52 4.93 8.84
N PRO A 325 -6.09 5.35 9.97
CA PRO A 325 -5.26 5.96 11.01
C PRO A 325 -4.18 5.05 11.60
N THR A 326 -3.14 5.68 12.11
CA THR A 326 -2.13 4.99 12.90
C THR A 326 -2.36 5.10 14.39
N ARG A 327 -3.48 5.72 14.76
CA ARG A 327 -3.87 5.94 16.18
C ARG A 327 -5.06 4.99 16.48
N PRO A 328 -4.92 4.05 17.42
CA PRO A 328 -6.06 3.20 17.68
C PRO A 328 -7.31 3.94 18.13
N ALA A 329 -7.15 5.07 18.80
CA ALA A 329 -8.33 5.84 19.25
C ALA A 329 -9.23 6.26 18.13
N LEU A 330 -8.67 6.46 16.94
CA LEU A 330 -9.53 6.91 15.84
C LEU A 330 -10.44 5.81 15.29
N TYR A 331 -10.12 4.55 15.58
CA TYR A 331 -10.97 3.45 15.15
C TYR A 331 -12.24 3.31 15.97
N THR A 332 -12.35 4.06 17.06
CA THR A 332 -13.61 4.14 17.79
C THR A 332 -14.29 5.49 17.67
N ASP A 333 -13.70 6.42 16.92
CA ASP A 333 -14.28 7.76 16.75
C ASP A 333 -15.57 7.71 15.95
N ARG A 334 -16.64 8.33 16.46
CA ARG A 334 -17.94 8.18 15.89
C ARG A 334 -18.05 8.64 14.45
N ASP A 335 -17.33 9.70 14.12
CA ASP A 335 -17.39 10.27 12.79
C ASP A 335 -16.57 9.44 11.78
N VAL A 336 -15.41 8.95 12.19
CA VAL A 336 -14.62 8.04 11.37
C VAL A 336 -15.46 6.83 10.99
N LEU A 337 -16.16 6.29 12.00
CA LEU A 337 -16.91 5.06 11.78
C LEU A 337 -18.20 5.26 11.00
N ALA A 338 -18.85 6.41 11.17
CA ALA A 338 -20.09 6.61 10.49
C ALA A 338 -19.78 6.77 9.01
N ARG A 339 -18.68 7.46 8.70
CA ARG A 339 -18.27 7.55 7.30
C ARG A 339 -17.76 6.24 6.70
N ASN A 340 -16.94 5.50 7.47
CA ASN A 340 -16.30 4.28 7.04
C ASN A 340 -16.56 3.10 7.96
N PRO A 341 -17.77 2.49 7.87
CA PRO A 341 -18.10 1.49 8.91
C PRO A 341 -17.20 0.29 8.77
N TRP A 342 -16.73 0.08 7.55
CA TRP A 342 -15.77 -0.99 7.29
C TRP A 342 -14.43 -0.91 7.98
N PHE A 343 -14.05 0.26 8.52
CA PHE A 343 -12.88 0.37 9.34
C PHE A 343 -13.05 -0.55 10.54
N ARG A 344 -14.25 -0.63 11.10
CA ARG A 344 -14.51 -1.58 12.17
C ARG A 344 -14.59 -3.01 11.70
N ASP A 345 -15.30 -3.25 10.60
CA ASP A 345 -15.52 -4.60 10.12
C ASP A 345 -14.19 -5.26 9.78
N LEU A 346 -13.25 -4.48 9.21
CA LEU A 346 -12.01 -5.01 8.73
C LEU A 346 -10.85 -4.80 9.64
N LEU A 347 -11.09 -4.29 10.86
CA LEU A 347 -9.94 -4.02 11.75
C LEU A 347 -9.09 -5.26 12.01
N PRO A 348 -9.70 -6.44 12.15
CA PRO A 348 -8.86 -7.65 12.31
C PRO A 348 -7.98 -7.96 11.09
N VAL A 349 -8.50 -7.65 9.91
CA VAL A 349 -7.70 -7.78 8.68
C VAL A 349 -6.47 -6.87 8.74
N PHE A 350 -6.68 -5.62 9.16
CA PHE A 350 -5.62 -4.67 9.26
C PHE A 350 -4.62 -5.12 10.33
N GLN A 351 -5.10 -5.64 11.46
CA GLN A 351 -4.23 -6.08 12.56
C GLN A 351 -3.33 -7.26 12.17
N ASN A 352 -3.83 -8.11 11.30
CA ASN A 352 -3.14 -9.32 10.86
C ASN A 352 -2.48 -9.18 9.47
N ALA A 353 -2.35 -7.97 8.99
CA ALA A 353 -1.78 -7.72 7.68
C ALA A 353 -0.35 -8.23 7.71
N VAL A 354 0.11 -8.72 6.59
CA VAL A 354 1.38 -9.37 6.43
C VAL A 354 2.37 -8.37 5.82
N SER A 355 3.48 -8.14 6.49
CA SER A 355 4.48 -7.23 5.95
CA SER A 355 4.50 -7.22 5.97
C SER A 355 5.30 -7.85 4.86
N ALA A 356 5.68 -7.03 3.88
CA ALA A 356 6.68 -7.37 2.91
C ALA A 356 8.02 -7.50 3.67
N PRO A 357 9.03 -8.13 3.05
CA PRO A 357 10.25 -8.50 3.82
C PRO A 357 11.28 -7.36 3.98
N SER A 358 10.78 -6.18 4.29
CA SER A 358 11.62 -5.05 4.55
C SER A 358 12.43 -5.08 5.85
N ASP A 359 11.87 -5.60 6.92
CA ASP A 359 12.67 -5.74 8.15
C ASP A 359 13.88 -6.63 7.90
N VAL A 360 13.64 -7.79 7.31
CA VAL A 360 14.70 -8.79 7.14
C VAL A 360 15.68 -8.38 6.09
N ALA A 361 15.22 -7.72 5.04
CA ALA A 361 16.14 -7.25 3.98
C ALA A 361 16.83 -5.96 4.33
N GLY A 362 16.27 -5.17 5.27
CA GLY A 362 16.81 -3.89 5.65
C GLY A 362 17.13 -3.00 4.48
N ALA A 363 18.37 -2.47 4.44
CA ALA A 363 18.70 -1.49 3.38
C ALA A 363 18.77 -2.09 2.00
N ARG A 364 18.74 -3.43 1.89
CA ARG A 364 18.69 -4.06 0.60
C ARG A 364 17.24 -4.38 0.15
N TYR A 365 16.21 -3.90 0.87
CA TYR A 365 14.86 -4.22 0.49
C TYR A 365 14.50 -3.83 -0.95
N ASN A 366 14.92 -2.65 -1.43
CA ASN A 366 14.51 -2.29 -2.77
C ASN A 366 15.06 -3.24 -3.83
N GLN A 367 16.28 -3.74 -3.61
CA GLN A 367 16.82 -4.73 -4.52
C GLN A 367 16.06 -6.07 -4.47
N VAL A 368 15.72 -6.50 -3.27
CA VAL A 368 14.89 -7.70 -3.10
C VAL A 368 13.57 -7.55 -3.79
N SER A 369 12.91 -6.42 -3.59
CA SER A 369 11.59 -6.20 -4.18
C SER A 369 11.64 -6.15 -5.71
N GLU A 370 12.67 -5.51 -6.24
CA GLU A 370 12.83 -5.54 -7.68
C GLU A 370 12.96 -6.93 -8.27
N ALA A 371 13.67 -7.80 -7.58
CA ALA A 371 13.72 -9.20 -7.98
C ALA A 371 12.38 -9.88 -7.94
N ILE A 372 11.62 -9.63 -6.85
CA ILE A 372 10.28 -10.15 -6.73
C ILE A 372 9.35 -9.71 -7.89
N TRP A 373 9.25 -8.40 -8.10
CA TRP A 373 8.29 -7.93 -9.07
C TRP A 373 8.69 -8.38 -10.46
N THR A 374 9.98 -8.42 -10.71
CA THR A 374 10.40 -8.88 -12.08
C THR A 374 10.12 -10.32 -12.37
N GLU A 375 10.38 -11.17 -11.38
CA GLU A 375 10.05 -12.59 -11.55
C GLU A 375 8.56 -12.85 -11.60
N VAL A 376 7.78 -12.18 -10.70
CA VAL A 376 6.34 -12.27 -10.76
C VAL A 376 5.78 -11.80 -12.13
N HIS A 377 6.24 -10.66 -12.59
CA HIS A 377 5.79 -10.12 -13.86
C HIS A 377 6.00 -11.10 -15.01
N SER A 378 7.13 -11.82 -14.98
CA SER A 378 7.42 -12.84 -15.99
C SER A 378 6.42 -13.93 -16.02
N VAL A 379 5.80 -14.26 -14.88
CA VAL A 379 4.72 -15.18 -14.85
C VAL A 379 3.47 -14.56 -15.40
N LEU A 380 3.15 -13.33 -14.97
CA LEU A 380 1.88 -12.71 -15.41
C LEU A 380 1.81 -12.57 -16.96
N THR A 381 2.94 -12.32 -17.55
CA THR A 381 3.06 -12.23 -19.02
C THR A 381 3.10 -13.55 -19.83
N GLY A 382 3.31 -14.65 -19.13
CA GLY A 382 3.30 -15.96 -19.74
C GLY A 382 4.70 -16.33 -20.28
N ARG A 383 5.71 -15.63 -19.81
CA ARG A 383 7.08 -15.90 -20.21
C ARG A 383 7.71 -17.02 -19.43
N LYS A 384 7.36 -17.12 -18.12
CA LYS A 384 7.81 -18.22 -17.23
C LYS A 384 6.63 -18.77 -16.50
N LYS A 385 6.69 -20.06 -16.21
CA LYS A 385 5.74 -20.69 -15.32
C LYS A 385 6.13 -20.37 -13.85
N GLY A 386 5.17 -20.39 -12.97
CA GLY A 386 5.44 -20.17 -11.59
C GLY A 386 6.56 -21.00 -10.99
N GLU A 387 6.59 -22.27 -11.36
CA GLU A 387 7.65 -23.18 -10.93
C GLU A 387 9.03 -22.71 -11.22
N GLN A 388 9.28 -22.27 -12.46
CA GLN A 388 10.53 -21.73 -12.79
C GLN A 388 10.80 -20.38 -12.15
N ALA A 389 9.79 -19.54 -12.10
CA ALA A 389 9.94 -18.23 -11.52
C ALA A 389 10.35 -18.26 -10.03
N VAL A 390 9.76 -19.17 -9.24
CA VAL A 390 10.07 -19.18 -7.77
C VAL A 390 11.45 -19.72 -7.56
N ARG A 391 11.88 -20.61 -8.50
CA ARG A 391 13.24 -21.10 -8.45
C ARG A 391 14.24 -20.02 -8.79
N ASP A 392 13.98 -19.29 -9.89
CA ASP A 392 14.81 -18.19 -10.23
C ASP A 392 14.84 -17.06 -9.20
N LEU A 393 13.70 -16.79 -8.60
CA LEU A 393 13.55 -15.79 -7.58
C LEU A 393 14.35 -16.13 -6.31
N GLU A 394 14.25 -17.38 -5.90
CA GLU A 394 15.10 -17.86 -4.82
C GLU A 394 16.55 -17.60 -5.09
N ALA A 395 17.01 -18.00 -6.28
CA ALA A 395 18.45 -17.81 -6.62
C ALA A 395 18.84 -16.30 -6.55
N ARG A 396 17.98 -15.44 -7.13
CA ARG A 396 18.25 -13.99 -7.13
C ARG A 396 18.35 -13.43 -5.72
N ILE A 397 17.34 -13.76 -4.91
CA ILE A 397 17.30 -13.23 -3.52
C ILE A 397 18.49 -13.79 -2.73
N ARG A 398 18.86 -15.05 -2.94
CA ARG A 398 20.08 -15.54 -2.29
C ARG A 398 21.31 -14.71 -2.59
N ARG A 399 21.46 -14.29 -3.84
CA ARG A 399 22.58 -13.48 -4.22
CA ARG A 399 22.58 -13.46 -4.24
C ARG A 399 22.48 -12.11 -3.57
N ILE A 400 21.29 -11.53 -3.60
CA ILE A 400 21.09 -10.17 -3.05
C ILE A 400 21.35 -10.09 -1.58
N LEU A 401 20.95 -11.12 -0.84
CA LEU A 401 21.04 -11.12 0.62
C LEU A 401 22.27 -11.86 1.16
N ARG A 402 23.11 -12.39 0.28
CA ARG A 402 24.30 -13.06 0.73
C ARG A 402 25.14 -12.03 1.50
N HIS A 403 25.49 -12.41 2.67
CA HIS A 403 26.30 -11.61 3.60
C HIS A 403 25.49 -10.50 4.29
N HIS A 404 24.18 -10.44 4.07
CA HIS A 404 23.38 -9.48 4.82
C HIS A 404 22.94 -10.16 6.11
N HIS A 405 23.21 -9.58 7.28
CA HIS A 405 22.52 -10.18 8.51
C HIS A 405 21.52 -9.22 9.18
N HIS A 406 20.43 -9.74 9.75
CA HIS A 406 19.48 -8.97 10.59
C HIS A 406 19.34 -9.62 11.95
C1 GLC B . -0.93 7.03 -1.99
C2 GLC B . -1.82 5.90 -1.53
C3 GLC B . -1.08 4.75 -0.92
C4 GLC B . 0.08 4.27 -1.83
C5 GLC B . 0.92 5.43 -2.33
C6 GLC B . 1.91 5.07 -3.44
O1 GLC B . -0.34 7.59 -0.90
O2 GLC B . -2.82 6.41 -0.61
O3 GLC B . -2.05 3.73 -0.66
O4 GLC B . 0.93 3.36 -1.13
O5 GLC B . 0.10 6.44 -2.86
O6 GLC B . 1.21 4.61 -4.60
C1 GLC B . 0.52 2.01 -1.08
C2 GLC B . 1.10 1.52 0.27
C3 GLC B . 2.64 1.38 0.24
C4 GLC B . 3.03 0.48 -0.91
C5 GLC B . 2.43 1.05 -2.23
C6 GLC B . 2.76 0.03 -3.33
O2 GLC B . 0.79 2.43 1.29
O3 GLC B . 3.07 0.80 1.49
O4 GLC B . 4.45 0.37 -0.95
O5 GLC B . 1.03 1.21 -2.16
O6 GLC B . 2.38 0.53 -4.65
C1 CIT C . 21.42 -2.64 6.67
O1 CIT C . 21.72 -2.07 7.75
O2 CIT C . 20.29 -3.23 6.41
C2 CIT C . 22.46 -2.65 5.57
C3 CIT C . 23.80 -3.01 6.05
O7 CIT C . 23.57 -4.18 6.83
C4 CIT C . 24.79 -3.44 4.99
C5 CIT C . 24.22 -4.53 4.07
O3 CIT C . 23.65 -4.24 2.99
O4 CIT C . 24.36 -5.70 4.43
C6 CIT C . 24.43 -1.84 6.83
O5 CIT C . 24.40 -0.66 6.30
O6 CIT C . 24.94 -2.14 7.91
C1 GOL D . -21.54 10.60 7.84
O1 GOL D . -20.31 10.99 7.26
C2 GOL D . -21.79 9.26 7.23
O2 GOL D . -21.42 9.27 5.82
C3 GOL D . -23.25 8.97 7.47
O3 GOL D . -24.04 9.49 6.39
C1 EDO E . 19.26 -10.00 -9.37
O1 EDO E . 18.67 -8.72 -9.10
C2 EDO E . 20.78 -9.91 -9.42
O2 EDO E . 21.31 -11.17 -8.93
C1 EDO F . -1.30 -2.16 13.59
O1 EDO F . -1.27 -3.14 14.67
C2 EDO F . -2.13 -2.72 12.43
O2 EDO F . -1.43 -3.76 11.69
C1 EDO G . -13.04 7.99 21.08
O1 EDO G . -12.57 7.25 19.94
C2 EDO G . -12.75 9.46 20.83
O2 EDO G . -11.33 9.52 20.56
C1 EDO H . -10.59 16.17 16.35
O1 EDO H . -11.79 15.40 16.57
C2 EDO H . -10.42 16.92 15.01
O2 EDO H . -11.47 17.15 14.13
C1 EDO I . -15.42 12.02 18.66
O1 EDO I . -16.75 11.71 18.99
C2 EDO I . -14.70 12.82 19.73
O2 EDO I . -15.51 13.96 20.05
#